data_9NDC
#
_entry.id   9NDC
#
_cell.length_a   167.842
_cell.length_b   167.842
_cell.length_c   92.111
_cell.angle_alpha   90.000
_cell.angle_beta   90.000
_cell.angle_gamma   120.000
#
_symmetry.space_group_name_H-M   'H 3'
#
loop_
_entity.id
_entity.type
_entity.pdbx_description
1 polymer 'DNA (31-MER)'
2 polymer "DNA (5'-D(P*GP*GP*C)-3')"
3 polymer "DNA (5'-D(*TP*GP*CP*TP*CP*GP*TP*CP*AP*GP*TP*CP*GP*T)-3')"
4 polymer "DNA (5'-D(P*CP*CP*AP*CP*GP*TP*GP*TP*GP*AP*GP*TP*CP*A)-3')"
#
loop_
_entity_poly.entity_id
_entity_poly.type
_entity_poly.pdbx_seq_one_letter_code
_entity_poly.pdbx_strand_id
1 'polydeoxyribonucleotide'
;(DC)(DA)(DG)(DC)(DC)(DT)(DG)(DA)(DC)(DT)(DC)(DA)(DC)(DA)(DC)(DG)(DT)(DG)(DG)(DA)
(DC)(DG)(DA)(DC)(DT)(DG)(DA)(DC)(DG)(DA)(DG)
;
A
2 'polydeoxyribonucleotide' (DG)(DG)(DC) B
3 'polydeoxyribonucleotide' (DT)(DG)(DC)(DT)(DC)(DG)(DT)(DC)(DA)(DG)(DT)(DC)(DG)(DT) C
4 'polydeoxyribonucleotide' (DC)(DC)(DA)(DC)(DG)(DT)(DG)(DT)(DG)(DA)(DG)(DT)(DC)(DA) E
#
loop_
_chem_comp.id
_chem_comp.type
_chem_comp.name
_chem_comp.formula
DA DNA linking 2'-DEOXYADENOSINE-5'-MONOPHOSPHATE 'C10 H14 N5 O6 P'
DC DNA linking 2'-DEOXYCYTIDINE-5'-MONOPHOSPHATE 'C9 H14 N3 O7 P'
DG DNA linking 2'-DEOXYGUANOSINE-5'-MONOPHOSPHATE 'C10 H14 N5 O7 P'
DT DNA linking THYMIDINE-5'-MONOPHOSPHATE 'C10 H15 N2 O8 P'
#